data_1NGU
#
_entry.id   1NGU
#
_entity_poly.entity_id   1
_entity_poly.type   'polydeoxyribonucleotide'
_entity_poly.pdbx_seq_one_letter_code
;(DC)(DT)(DC)(DT)(DC)(DC)(DT)(DT)(DG)(DT)(DA)(DT)(DT)(DT)(DC)(DT)(DT)(DA)(DC)(DA)
(DA)(DA)(DA)(DA)(DG)(DA)(DG)
;
_entity_poly.pdbx_strand_id   A
#
loop_
_chem_comp.id
_chem_comp.type
_chem_comp.name
_chem_comp.formula
DA DNA linking 2'-DEOXYADENOSINE-5'-MONOPHOSPHATE 'C10 H14 N5 O6 P'
DC DNA linking 2'-DEOXYCYTIDINE-5'-MONOPHOSPHATE 'C9 H14 N3 O7 P'
DG DNA linking 2'-DEOXYGUANOSINE-5'-MONOPHOSPHATE 'C10 H14 N5 O7 P'
DT DNA linking THYMIDINE-5'-MONOPHOSPHATE 'C10 H15 N2 O8 P'
#